data_6XQL
#
_entry.id   6XQL
#
_cell.length_a   38.400
_cell.length_b   49.006
_cell.length_c   113.995
_cell.angle_alpha   90.000
_cell.angle_beta   90.000
_cell.angle_gamma   90.000
#
_symmetry.space_group_name_H-M   'P 21 21 21'
#
loop_
_entity.id
_entity.type
_entity.pdbx_description
1 polymer 'GH16 family protein'
2 branched beta-D-glucopyranose-(1-4)-beta-D-glucopyranose-(1-3)-alpha-D-glucopyranose
3 non-polymer 'CALCIUM ION'
4 water water
#
_entity_poly.entity_id   1
_entity_poly.type   'polypeptide(L)'
_entity_poly.pdbx_seq_one_letter_code
;GSHMQQPEGVTAPGNEPMAIPSDYKLVWADEFNTPGAPDAKKWRYDTSRNKEGWYNNELQYYAAGRPENVRVENGNLVIE
TRKERLTSMADYGGQEYSSGKLFTQGLADWQYGYVEVRAKLACGKGMWPAIWMMASDGSTGWPALGSIDIMEMVAWDPTT
IHGTIHTKAYNHVIHTQKGSRTTAADPCGQFHTYSLDWTKDRMLIGVDGHAYMRFDNDHKGNHDTWPFDSPQYLILNVAI
GGWGGQQGVDAAAFPSKMEVDYVRVYQKR
;
_entity_poly.pdbx_strand_id   A
#
# COMPACT_ATOMS: atom_id res chain seq x y z
N VAL A 10 4.31 -18.48 -6.99
CA VAL A 10 5.08 -17.79 -5.96
C VAL A 10 6.50 -17.63 -6.48
N THR A 11 6.96 -16.41 -6.65
CA THR A 11 8.24 -16.14 -7.33
C THR A 11 9.29 -15.62 -6.33
N ALA A 12 8.89 -15.22 -5.14
CA ALA A 12 9.84 -14.76 -4.10
C ALA A 12 9.45 -15.38 -2.76
N PRO A 13 9.50 -16.71 -2.64
CA PRO A 13 8.96 -17.38 -1.47
C PRO A 13 9.80 -17.05 -0.23
N GLY A 14 9.07 -16.86 0.87
CA GLY A 14 9.63 -16.68 2.22
C GLY A 14 8.99 -17.65 3.18
N ASN A 15 9.68 -17.95 4.25
CA ASN A 15 9.12 -18.79 5.32
C ASN A 15 9.99 -18.62 6.55
N GLU A 16 9.92 -17.45 7.17
CA GLU A 16 10.70 -17.20 8.39
C GLU A 16 10.00 -16.14 9.20
N PRO A 17 10.22 -16.17 10.52
CA PRO A 17 9.72 -15.13 11.40
C PRO A 17 10.30 -13.78 11.01
N MET A 18 9.56 -12.76 11.33
CA MET A 18 10.05 -11.40 11.29
C MET A 18 9.50 -10.67 12.51
N ALA A 19 10.34 -9.78 13.01
CA ALA A 19 10.03 -9.03 14.21
C ALA A 19 10.86 -7.76 14.15
N ILE A 20 10.34 -6.70 14.73
CA ILE A 20 11.12 -5.45 14.94
C ILE A 20 12.47 -5.82 15.56
N PRO A 21 13.59 -5.56 14.89
CA PRO A 21 14.89 -5.90 15.49
C PRO A 21 15.18 -5.11 16.79
N SER A 22 15.77 -5.78 17.76
CA SER A 22 16.13 -5.22 19.08
C SER A 22 16.96 -3.93 18.94
N ASP A 23 17.77 -3.80 17.89
CA ASP A 23 18.71 -2.66 17.73
C ASP A 23 18.08 -1.58 16.85
N TYR A 24 16.79 -1.67 16.58
CA TYR A 24 16.07 -0.61 15.82
C TYR A 24 15.30 0.29 16.77
N LYS A 25 15.09 1.54 16.35
CA LYS A 25 14.37 2.58 17.10
C LYS A 25 13.12 2.85 16.28
N LEU A 26 12.01 3.16 16.94
CA LEU A 26 10.82 3.72 16.26
C LEU A 26 11.21 5.13 15.84
N VAL A 27 11.33 5.43 14.54
CA VAL A 27 11.86 6.74 14.06
C VAL A 27 10.73 7.61 13.49
N TRP A 28 9.63 6.98 13.11
CA TRP A 28 8.46 7.68 12.53
C TRP A 28 7.25 6.82 12.77
N ALA A 29 6.12 7.46 13.00
CA ALA A 29 4.87 6.72 13.23
C ALA A 29 3.69 7.63 12.95
N ASP A 30 2.64 7.09 12.37
CA ASP A 30 1.32 7.74 12.53
C ASP A 30 0.47 6.72 13.26
N GLU A 31 0.20 7.01 14.52
CA GLU A 31 -0.69 6.24 15.41
C GLU A 31 -2.14 6.62 15.12
N PHE A 32 -2.36 7.68 14.35
CA PHE A 32 -3.70 8.19 13.97
C PHE A 32 -4.46 8.47 15.26
N ASN A 33 -3.80 9.12 16.21
CA ASN A 33 -4.41 9.51 17.50
C ASN A 33 -5.36 10.70 17.34
N THR A 34 -5.17 11.56 16.36
CA THR A 34 -5.90 12.84 16.26
C THR A 34 -7.06 12.70 15.29
N PRO A 35 -8.32 12.70 15.77
CA PRO A 35 -9.45 12.66 14.86
C PRO A 35 -9.44 13.82 13.86
N GLY A 36 -10.03 13.58 12.68
CA GLY A 36 -10.26 14.56 11.63
C GLY A 36 -9.45 14.26 10.40
N ALA A 37 -8.94 15.31 9.77
CA ALA A 37 -8.04 15.21 8.59
C ALA A 37 -6.81 14.42 9.02
N PRO A 38 -6.21 13.61 8.13
CA PRO A 38 -4.89 13.06 8.39
C PRO A 38 -3.94 14.23 8.58
N ASP A 39 -2.90 13.99 9.38
CA ASP A 39 -1.87 14.97 9.78
C ASP A 39 -1.13 15.35 8.52
N ALA A 40 -1.12 16.65 8.16
CA ALA A 40 -0.51 17.17 6.91
C ALA A 40 1.01 17.17 6.99
N LYS A 41 1.57 16.95 8.18
CA LYS A 41 3.02 16.81 8.35
C LYS A 41 3.41 15.36 8.04
N LYS A 42 2.44 14.47 7.88
CA LYS A 42 2.72 13.03 7.74
C LYS A 42 2.20 12.49 6.41
N TRP A 43 1.06 13.00 5.91
CA TRP A 43 0.48 12.54 4.62
C TRP A 43 0.12 13.70 3.70
N ARG A 44 0.24 13.42 2.41
CA ARG A 44 -0.38 14.23 1.34
C ARG A 44 -1.33 13.34 0.55
N TYR A 45 -2.32 13.95 -0.11
CA TYR A 45 -3.24 13.24 -1.01
C TYR A 45 -2.59 13.19 -2.40
N ASP A 46 -2.87 12.12 -3.16
CA ASP A 46 -2.46 12.01 -4.59
C ASP A 46 -3.72 12.21 -5.45
N THR A 47 -3.71 13.25 -6.27
CA THR A 47 -4.82 13.63 -7.17
C THR A 47 -4.27 13.67 -8.59
N SER A 48 -3.08 13.10 -8.78
CA SER A 48 -2.28 13.34 -9.99
C SER A 48 -3.01 12.87 -11.25
N ARG A 49 -3.76 11.75 -11.17
CA ARG A 49 -4.47 11.17 -12.35
C ARG A 49 -6.00 11.15 -12.17
N ASN A 50 -6.56 11.97 -11.27
CA ASN A 50 -8.03 12.02 -11.03
C ASN A 50 -8.67 12.35 -12.36
N LYS A 51 -8.25 13.40 -13.05
CA LYS A 51 -9.00 13.83 -14.26
C LYS A 51 -8.82 12.76 -15.35
N GLU A 52 -7.62 12.22 -15.46
CA GLU A 52 -7.17 11.31 -16.55
C GLU A 52 -7.74 9.91 -16.38
N GLY A 53 -7.99 9.47 -15.14
CA GLY A 53 -8.14 8.04 -14.87
C GLY A 53 -6.83 7.45 -14.40
N TRP A 54 -6.89 6.78 -13.26
CA TRP A 54 -5.73 6.11 -12.63
C TRP A 54 -5.27 4.94 -13.51
N TYR A 55 -4.07 4.45 -13.21
CA TYR A 55 -3.42 3.35 -13.97
C TYR A 55 -4.15 2.08 -13.58
N ASN A 56 -3.78 0.98 -14.20
CA ASN A 56 -4.37 -0.37 -14.04
C ASN A 56 -5.85 -0.35 -14.45
N ASN A 57 -6.25 0.54 -15.36
CA ASN A 57 -7.69 0.68 -15.72
C ASN A 57 -8.50 0.86 -14.42
N GLU A 58 -7.93 1.49 -13.38
CA GLU A 58 -8.65 1.65 -12.09
C GLU A 58 -9.86 2.58 -12.24
N LEU A 59 -10.87 2.36 -11.40
CA LEU A 59 -12.23 2.98 -11.50
C LEU A 59 -12.47 4.05 -10.45
N GLN A 60 -11.58 4.26 -9.50
CA GLN A 60 -11.88 5.24 -8.44
C GLN A 60 -11.43 6.65 -8.83
N TYR A 61 -12.12 7.63 -8.26
CA TYR A 61 -11.64 9.04 -8.04
C TYR A 61 -11.00 9.12 -6.63
N TYR A 62 -9.74 9.60 -6.50
CA TYR A 62 -9.07 9.75 -5.18
C TYR A 62 -9.41 11.15 -4.62
N ALA A 63 -10.34 11.24 -3.66
CA ALA A 63 -10.85 12.53 -3.12
C ALA A 63 -9.87 13.05 -2.08
N ALA A 64 -9.30 14.25 -2.31
CA ALA A 64 -8.41 14.99 -1.39
C ALA A 64 -9.25 15.80 -0.40
N GLY A 65 -8.79 15.78 0.86
CA GLY A 65 -9.38 16.51 1.99
C GLY A 65 -10.86 16.26 2.13
N ARG A 66 -11.33 15.02 1.94
CA ARG A 66 -12.80 14.75 1.91
C ARG A 66 -13.08 13.62 2.88
N PRO A 67 -13.64 13.96 4.08
CA PRO A 67 -13.71 13.04 5.20
C PRO A 67 -14.47 11.77 4.84
N GLU A 68 -15.38 11.90 3.88
CA GLU A 68 -16.18 10.77 3.36
C GLU A 68 -15.23 9.70 2.81
N ASN A 69 -14.05 10.08 2.32
CA ASN A 69 -13.10 9.09 1.72
C ASN A 69 -11.91 8.85 2.65
N VAL A 70 -11.39 9.89 3.31
CA VAL A 70 -10.18 9.81 4.18
C VAL A 70 -10.42 10.59 5.46
N ARG A 71 -10.37 9.92 6.59
CA ARG A 71 -10.53 10.53 7.91
C ARG A 71 -9.82 9.68 8.96
N VAL A 72 -9.46 10.36 10.04
CA VAL A 72 -8.91 9.70 11.24
C VAL A 72 -10.06 9.69 12.22
N GLU A 73 -10.37 8.50 12.71
CA GLU A 73 -11.59 8.27 13.52
C GLU A 73 -11.34 7.12 14.48
N ASN A 74 -11.41 7.35 15.79
CA ASN A 74 -11.38 6.25 16.77
C ASN A 74 -10.06 5.50 16.68
N GLY A 75 -8.97 6.24 16.53
CA GLY A 75 -7.60 5.70 16.51
C GLY A 75 -7.15 5.16 15.18
N ASN A 76 -8.00 5.18 14.17
CA ASN A 76 -7.63 4.59 12.86
C ASN A 76 -7.69 5.64 11.77
N LEU A 77 -6.77 5.54 10.82
CA LEU A 77 -7.03 6.10 9.49
C LEU A 77 -8.15 5.30 8.86
N VAL A 78 -9.18 5.97 8.39
CA VAL A 78 -10.18 5.32 7.51
C VAL A 78 -9.92 5.78 6.08
N ILE A 79 -9.74 4.83 5.16
CA ILE A 79 -9.84 5.10 3.70
C ILE A 79 -11.07 4.35 3.22
N GLU A 80 -12.05 5.07 2.69
CA GLU A 80 -13.39 4.51 2.41
C GLU A 80 -13.73 4.68 0.92
N THR A 81 -14.16 3.62 0.27
CA THR A 81 -14.69 3.68 -1.10
C THR A 81 -16.20 3.91 -0.99
N ARG A 82 -16.75 4.69 -1.90
CA ARG A 82 -18.19 4.94 -2.01
C ARG A 82 -18.57 4.88 -3.48
N LYS A 83 -19.77 4.45 -3.79
CA LYS A 83 -20.29 4.55 -5.16
C LYS A 83 -20.99 5.90 -5.25
N GLU A 84 -20.30 6.82 -5.91
CA GLU A 84 -20.74 8.22 -6.05
C GLU A 84 -19.89 8.88 -7.13
N ARG A 85 -20.48 9.84 -7.79
CA ARG A 85 -19.88 10.63 -8.89
C ARG A 85 -19.61 12.05 -8.37
N LEU A 86 -18.36 12.38 -8.05
CA LEU A 86 -17.98 13.66 -7.41
C LEU A 86 -17.77 14.72 -8.51
N THR A 87 -18.87 15.06 -9.16
CA THR A 87 -18.90 15.89 -10.40
C THR A 87 -18.63 17.37 -10.07
N SER A 88 -18.69 17.74 -8.78
CA SER A 88 -18.43 19.15 -8.41
C SER A 88 -16.93 19.37 -8.27
N MET A 89 -16.13 18.31 -8.28
CA MET A 89 -14.66 18.43 -8.14
C MET A 89 -14.06 18.84 -9.48
N ALA A 90 -13.21 19.86 -9.46
CA ALA A 90 -12.55 20.43 -10.65
C ALA A 90 -11.74 19.35 -11.39
N ASP A 91 -11.19 18.35 -10.67
CA ASP A 91 -10.32 17.27 -11.25
C ASP A 91 -11.11 15.94 -11.39
N TYR A 92 -12.45 16.04 -11.36
CA TYR A 92 -13.32 14.86 -11.53
C TYR A 92 -13.04 14.27 -12.90
N GLY A 93 -12.84 12.95 -12.95
CA GLY A 93 -12.50 12.24 -14.21
C GLY A 93 -13.57 11.26 -14.65
N GLY A 94 -14.86 11.44 -14.34
CA GLY A 94 -15.96 10.59 -14.85
C GLY A 94 -16.14 9.29 -14.05
N GLN A 95 -15.44 9.14 -12.93
CA GLN A 95 -15.48 7.89 -12.12
C GLN A 95 -16.83 7.65 -11.45
N GLU A 96 -17.22 6.38 -11.37
CA GLU A 96 -18.44 5.91 -10.66
C GLU A 96 -18.17 5.81 -9.15
N TYR A 97 -16.91 5.87 -8.72
CA TYR A 97 -16.52 5.65 -7.31
C TYR A 97 -15.55 6.70 -6.80
N SER A 98 -15.57 6.87 -5.49
CA SER A 98 -14.61 7.73 -4.77
C SER A 98 -13.86 6.83 -3.80
N SER A 99 -12.58 7.18 -3.56
CA SER A 99 -11.70 6.48 -2.61
C SER A 99 -10.67 7.48 -2.14
N GLY A 100 -9.69 6.95 -1.43
CA GLY A 100 -8.59 7.73 -0.85
C GLY A 100 -7.25 7.09 -1.17
N LYS A 101 -6.25 7.94 -1.37
CA LYS A 101 -4.83 7.61 -1.54
C LYS A 101 -4.00 8.68 -0.81
N LEU A 102 -3.38 8.27 0.31
CA LEU A 102 -2.40 9.10 1.06
C LEU A 102 -0.99 8.61 0.78
N PHE A 103 -0.01 9.48 0.76
CA PHE A 103 1.39 9.00 0.74
C PHE A 103 2.20 9.98 1.57
N THR A 104 3.39 9.53 2.00
CA THR A 104 4.34 10.33 2.82
C THR A 104 5.35 11.00 1.89
N GLN A 105 5.13 10.86 0.59
CA GLN A 105 5.95 11.61 -0.39
C GLN A 105 6.05 13.07 0.03
N GLY A 106 7.28 13.57 0.21
CA GLY A 106 7.59 14.97 0.55
C GLY A 106 7.59 15.23 2.05
N LEU A 107 7.12 14.28 2.84
CA LEU A 107 7.01 14.44 4.30
C LEU A 107 8.01 13.52 4.98
N ALA A 108 8.10 12.28 4.54
CA ALA A 108 8.85 11.24 5.24
C ALA A 108 9.22 10.16 4.24
N ASP A 109 10.50 9.79 4.28
CA ASP A 109 10.93 8.53 3.65
C ASP A 109 12.07 7.93 4.46
N TRP A 110 12.51 6.76 3.99
CA TRP A 110 13.48 5.89 4.70
C TRP A 110 14.23 5.02 3.69
N GLN A 111 15.50 4.85 3.97
CA GLN A 111 16.39 3.89 3.30
C GLN A 111 16.65 2.76 4.32
N TYR A 112 16.00 1.62 4.11
CA TYR A 112 16.03 0.45 5.01
C TYR A 112 15.25 0.75 6.28
N GLY A 113 14.85 -0.35 6.87
CA GLY A 113 14.04 -0.26 8.09
C GLY A 113 12.97 -1.33 8.09
N TYR A 114 12.37 -1.46 9.27
CA TYR A 114 11.24 -2.36 9.57
C TYR A 114 9.97 -1.51 9.53
N VAL A 115 9.04 -1.79 8.61
CA VAL A 115 7.74 -1.05 8.52
C VAL A 115 6.65 -2.00 9.03
N GLU A 116 5.81 -1.52 9.93
CA GLU A 116 4.69 -2.31 10.51
C GLU A 116 3.44 -1.46 10.34
N VAL A 117 2.45 -2.01 9.61
CA VAL A 117 1.12 -1.36 9.45
C VAL A 117 0.06 -2.30 10.02
N ARG A 118 -0.69 -1.86 11.05
CA ARG A 118 -1.77 -2.69 11.62
C ARG A 118 -3.09 -2.19 11.00
N ALA A 119 -3.73 -3.05 10.23
CA ALA A 119 -4.87 -2.63 9.37
C ALA A 119 -5.93 -3.73 9.25
N LYS A 120 -7.17 -3.26 9.10
CA LYS A 120 -8.38 -4.00 8.72
C LYS A 120 -8.66 -3.61 7.27
N LEU A 121 -8.83 -4.56 6.36
CA LEU A 121 -8.92 -4.21 4.92
C LEU A 121 -10.37 -3.97 4.46
N ALA A 122 -10.51 -3.36 3.28
CA ALA A 122 -11.74 -3.00 2.55
C ALA A 122 -12.08 -4.17 1.67
N CYS A 123 -13.28 -4.74 1.86
CA CYS A 123 -13.76 -5.98 1.22
C CYS A 123 -14.86 -5.61 0.22
N GLY A 124 -15.37 -6.58 -0.51
CA GLY A 124 -16.34 -6.35 -1.60
C GLY A 124 -15.71 -6.51 -2.97
N LYS A 125 -16.33 -7.31 -3.84
CA LYS A 125 -15.87 -7.50 -5.24
C LYS A 125 -15.63 -6.11 -5.83
N GLY A 126 -14.40 -5.86 -6.25
CA GLY A 126 -13.96 -4.57 -6.82
C GLY A 126 -12.81 -3.97 -6.03
N MET A 127 -12.80 -4.16 -4.71
CA MET A 127 -11.90 -3.42 -3.80
C MET A 127 -10.46 -3.97 -3.92
N TRP A 128 -9.49 -3.06 -3.84
CA TRP A 128 -8.05 -3.34 -4.03
C TRP A 128 -7.27 -2.48 -3.06
N PRO A 129 -7.36 -2.78 -1.73
CA PRO A 129 -6.57 -2.08 -0.74
C PRO A 129 -5.09 -2.43 -0.96
N ALA A 130 -4.25 -1.44 -0.78
CA ALA A 130 -2.79 -1.60 -0.95
C ALA A 130 -2.08 -0.79 0.15
N ILE A 131 -1.00 -1.36 0.68
CA ILE A 131 -0.01 -0.69 1.55
C ILE A 131 1.33 -0.87 0.85
N TRP A 132 1.93 0.24 0.43
CA TRP A 132 3.13 0.10 -0.40
C TRP A 132 4.01 1.33 -0.37
N MET A 133 5.14 1.19 -1.01
CA MET A 133 6.25 2.15 -0.99
C MET A 133 6.70 2.35 -2.42
N MET A 134 7.10 3.56 -2.76
CA MET A 134 7.88 3.83 -3.99
C MET A 134 9.04 4.68 -3.57
N ALA A 135 10.12 4.63 -4.36
CA ALA A 135 11.35 5.40 -4.14
C ALA A 135 11.05 6.90 -4.28
N SER A 136 11.60 7.68 -3.35
CA SER A 136 11.56 9.16 -3.36
C SER A 136 12.17 9.65 -4.66
N ASP A 137 13.31 9.10 -5.10
CA ASP A 137 13.92 9.48 -6.39
C ASP A 137 13.24 8.70 -7.52
N GLY A 138 12.32 9.34 -8.22
CA GLY A 138 11.62 8.71 -9.36
C GLY A 138 12.28 9.03 -10.68
N SER A 139 13.53 9.51 -10.69
CA SER A 139 14.25 9.92 -11.93
C SER A 139 14.22 8.78 -12.96
N THR A 140 14.21 7.53 -12.50
CA THR A 140 14.30 6.32 -13.37
C THR A 140 12.89 5.84 -13.81
N GLY A 141 11.85 6.47 -13.28
CA GLY A 141 10.44 6.06 -13.49
C GLY A 141 10.08 4.72 -12.84
N TRP A 142 8.77 4.46 -12.79
CA TRP A 142 8.19 3.14 -12.47
C TRP A 142 8.24 2.28 -13.74
N PRO A 143 8.68 1.02 -13.68
CA PRO A 143 9.03 0.32 -12.44
C PRO A 143 10.50 0.35 -11.96
N ALA A 144 11.40 1.00 -12.72
CA ALA A 144 12.86 1.05 -12.43
C ALA A 144 13.14 1.61 -11.03
N LEU A 145 12.38 2.61 -10.55
CA LEU A 145 12.72 3.38 -9.33
C LEU A 145 12.72 2.41 -8.15
N GLY A 146 11.98 1.31 -8.28
CA GLY A 146 11.69 0.39 -7.17
C GLY A 146 10.40 0.73 -6.45
N SER A 147 9.57 -0.28 -6.24
CA SER A 147 8.34 -0.18 -5.42
C SER A 147 8.11 -1.47 -4.64
N ILE A 148 7.63 -1.32 -3.42
CA ILE A 148 7.47 -2.42 -2.45
C ILE A 148 5.99 -2.49 -2.06
N ASP A 149 5.37 -3.57 -2.45
CA ASP A 149 3.97 -3.84 -2.06
C ASP A 149 4.03 -4.65 -0.78
N ILE A 150 3.88 -3.98 0.35
CA ILE A 150 3.88 -4.63 1.68
C ILE A 150 2.58 -5.44 1.84
N MET A 151 1.48 -4.91 1.32
CA MET A 151 0.18 -5.58 1.38
C MET A 151 -0.61 -5.13 0.15
N GLU A 152 -0.98 -6.08 -0.68
CA GLU A 152 -2.09 -5.90 -1.62
C GLU A 152 -3.09 -7.01 -1.34
N MET A 153 -4.37 -6.69 -1.36
CA MET A 153 -5.44 -7.70 -1.42
C MET A 153 -6.44 -7.32 -2.52
N VAL A 154 -6.94 -8.31 -3.24
CA VAL A 154 -8.02 -8.04 -4.20
C VAL A 154 -9.25 -8.80 -3.67
N ALA A 155 -10.35 -8.06 -3.42
CA ALA A 155 -11.46 -8.53 -2.54
C ALA A 155 -12.35 -9.59 -3.16
N TRP A 156 -12.12 -9.97 -4.42
CA TRP A 156 -12.74 -11.20 -5.00
C TRP A 156 -12.07 -12.43 -4.37
N ASP A 157 -10.88 -12.23 -3.77
CA ASP A 157 -10.06 -13.28 -3.08
C ASP A 157 -9.64 -12.70 -1.75
N PRO A 158 -10.61 -12.32 -0.89
CA PRO A 158 -10.37 -11.39 0.20
C PRO A 158 -9.54 -11.95 1.38
N THR A 159 -9.30 -13.25 1.45
CA THR A 159 -8.41 -13.82 2.50
C THR A 159 -6.96 -13.84 2.02
N THR A 160 -6.69 -13.61 0.74
CA THR A 160 -5.31 -13.74 0.19
C THR A 160 -4.57 -12.41 0.26
N ILE A 161 -3.42 -12.46 0.93
CA ILE A 161 -2.50 -11.32 1.09
C ILE A 161 -1.30 -11.51 0.16
N HIS A 162 -1.04 -10.52 -0.68
CA HIS A 162 0.06 -10.51 -1.66
C HIS A 162 1.13 -9.51 -1.20
N GLY A 163 2.37 -9.98 -1.31
CA GLY A 163 3.57 -9.21 -1.00
C GLY A 163 4.50 -9.27 -2.17
N THR A 164 4.85 -8.11 -2.70
CA THR A 164 5.48 -8.00 -4.04
C THR A 164 6.47 -6.84 -4.10
N ILE A 165 7.56 -7.05 -4.82
CA ILE A 165 8.48 -5.94 -5.18
C ILE A 165 8.48 -5.83 -6.69
N HIS A 166 8.67 -4.61 -7.18
CA HIS A 166 8.78 -4.25 -8.61
C HIS A 166 10.06 -3.44 -8.80
N THR A 167 10.91 -3.87 -9.74
CA THR A 167 12.08 -3.15 -10.27
C THR A 167 12.06 -3.23 -11.79
N LYS A 168 13.06 -2.62 -12.47
CA LYS A 168 13.17 -2.66 -13.96
C LYS A 168 13.12 -4.14 -14.41
N ALA A 169 13.93 -4.98 -13.81
CA ALA A 169 14.05 -6.42 -14.16
C ALA A 169 12.76 -7.16 -13.77
N TYR A 170 12.23 -6.89 -12.60
CA TYR A 170 11.24 -7.74 -11.89
C TYR A 170 9.93 -6.95 -11.65
N ASN A 171 8.96 -7.04 -12.59
CA ASN A 171 7.74 -6.19 -12.45
C ASN A 171 6.56 -6.80 -13.21
N HIS A 172 5.35 -6.34 -12.88
CA HIS A 172 4.10 -6.99 -13.35
C HIS A 172 3.93 -6.72 -14.84
N VAL A 173 4.44 -5.59 -15.33
CA VAL A 173 4.23 -5.12 -16.73
C VAL A 173 4.76 -6.18 -17.69
N ILE A 174 5.88 -6.83 -17.34
CA ILE A 174 6.48 -7.94 -18.13
C ILE A 174 6.46 -9.22 -17.31
N HIS A 175 5.60 -9.27 -16.28
CA HIS A 175 5.24 -10.51 -15.55
C HIS A 175 6.49 -11.19 -14.98
N THR A 176 7.45 -10.42 -14.46
CA THR A 176 8.64 -10.95 -13.77
C THR A 176 8.65 -10.48 -12.30
N GLN A 177 7.51 -9.99 -11.77
CA GLN A 177 7.48 -9.39 -10.41
C GLN A 177 7.93 -10.45 -9.41
N LYS A 178 8.58 -10.03 -8.34
CA LYS A 178 9.05 -10.93 -7.25
C LYS A 178 8.05 -10.78 -6.11
N GLY A 179 7.20 -11.79 -5.95
CA GLY A 179 6.19 -11.78 -4.90
C GLY A 179 5.82 -13.17 -4.45
N SER A 180 4.99 -13.15 -3.41
CA SER A 180 4.43 -14.34 -2.77
C SER A 180 3.11 -13.92 -2.16
N ARG A 181 2.45 -14.87 -1.54
CA ARG A 181 1.14 -14.63 -0.92
C ARG A 181 0.97 -15.56 0.27
N THR A 182 0.09 -15.17 1.16
CA THR A 182 -0.35 -16.04 2.27
C THR A 182 -1.85 -15.83 2.38
N THR A 183 -2.45 -16.28 3.48
CA THR A 183 -3.85 -15.92 3.78
C THR A 183 -3.95 -15.42 5.22
N ALA A 184 -5.01 -14.71 5.53
CA ALA A 184 -5.28 -14.23 6.90
C ALA A 184 -6.76 -14.38 7.17
N ALA A 185 -7.06 -14.53 8.44
CA ALA A 185 -8.42 -14.70 8.95
C ALA A 185 -9.10 -13.36 8.82
N ASP A 186 -10.28 -13.34 8.22
CA ASP A 186 -11.22 -12.20 8.20
C ASP A 186 -10.47 -10.86 8.13
N PRO A 187 -9.67 -10.61 7.06
CA PRO A 187 -8.81 -9.43 7.06
C PRO A 187 -9.60 -8.12 6.99
N CYS A 188 -10.87 -8.17 6.59
CA CYS A 188 -11.73 -6.95 6.57
C CYS A 188 -12.54 -6.86 7.84
N GLY A 189 -12.48 -7.86 8.69
CA GLY A 189 -13.26 -7.85 9.93
C GLY A 189 -12.35 -7.79 11.15
N GLN A 190 -11.06 -8.01 10.96
CA GLN A 190 -10.14 -7.94 12.11
C GLN A 190 -8.78 -7.44 11.64
N PHE A 191 -8.01 -6.92 12.58
CA PHE A 191 -6.70 -6.28 12.32
C PHE A 191 -5.61 -7.33 12.22
N HIS A 192 -4.74 -7.12 11.25
CA HIS A 192 -3.45 -7.83 11.07
C HIS A 192 -2.32 -6.78 10.98
N THR A 193 -1.12 -7.18 11.33
CA THR A 193 0.10 -6.36 11.09
C THR A 193 0.69 -6.87 9.80
N TYR A 194 0.79 -5.97 8.83
CA TYR A 194 1.44 -6.17 7.54
C TYR A 194 2.81 -5.51 7.64
N SER A 195 3.86 -6.23 7.30
CA SER A 195 5.22 -5.84 7.70
C SER A 195 6.25 -6.11 6.62
N LEU A 196 7.25 -5.22 6.60
CA LEU A 196 8.41 -5.25 5.68
C LEU A 196 9.65 -5.12 6.55
N ASP A 197 10.60 -6.04 6.39
CA ASP A 197 11.94 -5.95 6.98
C ASP A 197 12.89 -5.72 5.82
N TRP A 198 13.34 -4.47 5.69
CA TRP A 198 14.16 -3.99 4.55
C TRP A 198 15.56 -3.69 5.07
N THR A 199 16.52 -4.48 4.62
CA THR A 199 17.96 -4.24 4.81
C THR A 199 18.62 -4.15 3.45
N LYS A 200 19.90 -3.70 3.45
CA LYS A 200 20.79 -3.64 2.28
C LYS A 200 20.88 -5.05 1.66
N ASP A 201 20.64 -6.11 2.42
CA ASP A 201 20.79 -7.50 1.92
C ASP A 201 19.49 -8.14 1.43
N ARG A 202 18.32 -7.77 1.98
CA ARG A 202 17.08 -8.39 1.45
C ARG A 202 15.84 -7.74 2.06
N MET A 203 14.70 -8.12 1.51
CA MET A 203 13.36 -7.76 2.06
C MET A 203 12.64 -9.01 2.45
N LEU A 204 12.06 -8.97 3.63
CA LEU A 204 10.97 -9.90 4.03
C LEU A 204 9.67 -9.11 4.06
N ILE A 205 8.61 -9.73 3.56
CA ILE A 205 7.23 -9.22 3.68
C ILE A 205 6.39 -10.30 4.38
N GLY A 206 5.60 -9.87 5.35
CA GLY A 206 4.94 -10.74 6.33
C GLY A 206 3.58 -10.26 6.73
N VAL A 207 2.88 -11.16 7.39
CA VAL A 207 1.64 -10.86 8.14
C VAL A 207 1.88 -11.41 9.55
N ASP A 208 1.62 -10.63 10.60
CA ASP A 208 1.53 -11.18 11.98
C ASP A 208 2.87 -11.87 12.35
N GLY A 209 4.02 -11.29 11.99
CA GLY A 209 5.30 -11.76 12.53
C GLY A 209 5.80 -12.97 11.78
N HIS A 210 5.17 -13.35 10.66
CA HIS A 210 5.67 -14.42 9.77
C HIS A 210 5.90 -13.86 8.37
N ALA A 211 7.13 -13.98 7.83
CA ALA A 211 7.48 -13.62 6.44
C ALA A 211 7.02 -14.75 5.54
N TYR A 212 6.18 -14.42 4.59
CA TYR A 212 5.71 -15.33 3.51
C TYR A 212 6.51 -14.97 2.24
N MET A 213 7.23 -13.82 2.28
CA MET A 213 7.88 -13.31 1.05
C MET A 213 9.31 -12.87 1.38
N ARG A 214 10.24 -13.30 0.57
CA ARG A 214 11.66 -12.93 0.70
C ARG A 214 12.19 -12.58 -0.68
N PHE A 215 12.80 -11.39 -0.80
CA PHE A 215 13.54 -10.97 -2.01
C PHE A 215 14.94 -10.59 -1.53
N ASP A 216 15.95 -11.20 -2.12
CA ASP A 216 17.38 -10.93 -1.80
C ASP A 216 17.99 -9.93 -2.75
N ASN A 217 18.83 -9.06 -2.19
CA ASN A 217 19.83 -8.32 -2.99
C ASN A 217 20.83 -9.34 -3.50
N ASP A 218 20.90 -9.56 -4.80
CA ASP A 218 21.93 -10.41 -5.46
C ASP A 218 23.33 -9.80 -5.34
N HIS A 219 23.45 -8.56 -4.84
CA HIS A 219 24.74 -7.86 -4.59
C HIS A 219 25.55 -7.66 -5.90
N LYS A 220 24.89 -7.54 -7.05
CA LYS A 220 25.56 -7.37 -8.38
C LYS A 220 25.75 -5.85 -8.66
N GLY A 221 25.20 -5.00 -7.79
CA GLY A 221 25.24 -3.52 -7.90
C GLY A 221 24.47 -3.03 -9.11
N ASN A 222 23.48 -3.81 -9.54
CA ASN A 222 22.66 -3.51 -10.73
C ASN A 222 21.34 -2.92 -10.21
N HIS A 223 21.10 -1.65 -10.54
CA HIS A 223 19.85 -0.93 -10.20
C HIS A 223 18.64 -1.71 -10.70
N ASP A 224 18.78 -2.44 -11.80
CA ASP A 224 17.67 -3.19 -12.40
C ASP A 224 17.13 -4.24 -11.44
N THR A 225 17.99 -4.89 -10.66
CA THR A 225 17.60 -6.04 -9.82
C THR A 225 17.59 -5.65 -8.37
N TRP A 226 18.19 -4.52 -8.06
CA TRP A 226 18.22 -3.99 -6.69
C TRP A 226 18.33 -2.49 -6.76
N PRO A 227 17.18 -1.80 -6.85
CA PRO A 227 17.11 -0.36 -6.71
C PRO A 227 16.86 0.08 -5.25
N PHE A 228 16.97 -0.85 -4.31
CA PHE A 228 16.52 -0.63 -2.92
C PHE A 228 17.67 -0.13 -2.04
N ASP A 229 18.62 0.65 -2.58
CA ASP A 229 19.64 1.32 -1.73
C ASP A 229 19.33 2.83 -1.75
N SER A 230 18.07 3.24 -1.82
CA SER A 230 17.70 4.67 -1.75
C SER A 230 16.39 4.77 -0.99
N PRO A 231 16.10 5.94 -0.43
CA PRO A 231 14.88 6.14 0.34
C PRO A 231 13.55 5.88 -0.40
N GLN A 232 12.58 5.40 0.34
CA GLN A 232 11.22 5.03 -0.15
C GLN A 232 10.22 5.74 0.76
N TYR A 233 9.10 6.14 0.18
CA TYR A 233 7.95 6.68 0.94
C TYR A 233 6.78 5.70 0.85
N LEU A 234 5.83 5.91 1.72
CA LEU A 234 4.78 4.95 2.07
C LEU A 234 3.49 5.45 1.43
N ILE A 235 2.68 4.50 1.02
CA ILE A 235 1.45 4.78 0.26
C ILE A 235 0.33 3.93 0.86
N LEU A 236 -0.82 4.56 1.08
CA LEU A 236 -2.06 3.87 1.51
C LEU A 236 -3.19 4.27 0.57
N ASN A 237 -3.90 3.26 0.06
CA ASN A 237 -5.01 3.48 -0.87
C ASN A 237 -5.96 2.29 -0.88
N VAL A 238 -7.14 2.57 -1.37
CA VAL A 238 -8.04 1.52 -1.85
C VAL A 238 -8.42 1.88 -3.28
N ALA A 239 -7.87 1.08 -4.18
CA ALA A 239 -8.13 1.12 -5.64
C ALA A 239 -9.42 0.33 -5.84
N ILE A 240 -10.05 0.62 -6.95
CA ILE A 240 -11.30 -0.05 -7.38
C ILE A 240 -11.11 -0.40 -8.85
N GLY A 241 -11.48 -1.63 -9.24
CA GLY A 241 -11.32 -2.14 -10.60
C GLY A 241 -9.91 -2.67 -10.80
N GLY A 242 -9.43 -2.67 -12.03
CA GLY A 242 -8.20 -3.39 -12.40
C GLY A 242 -8.17 -4.77 -11.77
N TRP A 243 -7.07 -5.07 -11.07
CA TRP A 243 -6.84 -6.38 -10.42
C TRP A 243 -8.01 -6.67 -9.48
N GLY A 244 -8.51 -5.63 -8.78
CA GLY A 244 -9.60 -5.80 -7.80
C GLY A 244 -10.90 -6.15 -8.47
N GLY A 245 -11.02 -5.87 -9.77
CA GLY A 245 -12.29 -6.03 -10.50
C GLY A 245 -12.37 -7.30 -11.32
N GLN A 246 -11.60 -8.36 -11.02
CA GLN A 246 -11.63 -9.62 -11.83
C GLN A 246 -13.03 -10.26 -11.75
N GLN A 247 -13.65 -10.37 -10.58
CA GLN A 247 -15.04 -10.91 -10.49
C GLN A 247 -16.00 -9.71 -10.40
N GLY A 248 -15.65 -8.57 -11.01
CA GLY A 248 -16.59 -7.43 -11.15
C GLY A 248 -16.56 -6.52 -9.94
N VAL A 249 -17.39 -5.49 -9.99
CA VAL A 249 -17.54 -4.47 -8.92
C VAL A 249 -18.94 -4.59 -8.36
N ASP A 250 -19.05 -4.90 -7.07
CA ASP A 250 -20.34 -5.16 -6.42
C ASP A 250 -20.84 -3.86 -5.79
N ALA A 251 -21.82 -3.23 -6.44
CA ALA A 251 -22.61 -2.07 -5.96
C ALA A 251 -22.94 -2.25 -4.47
N ALA A 252 -23.32 -3.45 -4.07
CA ALA A 252 -23.82 -3.72 -2.71
C ALA A 252 -22.71 -3.53 -1.68
N ALA A 253 -21.47 -3.72 -2.08
CA ALA A 253 -20.29 -3.71 -1.19
C ALA A 253 -19.88 -2.30 -0.77
N PHE A 254 -20.46 -1.27 -1.35
CA PHE A 254 -20.15 0.14 -0.99
C PHE A 254 -21.11 0.61 0.09
N PRO A 255 -20.60 1.37 1.08
CA PRO A 255 -19.20 1.75 1.10
C PRO A 255 -18.35 0.71 1.80
N SER A 256 -17.07 0.70 1.50
CA SER A 256 -16.11 -0.28 2.04
C SER A 256 -14.89 0.48 2.54
N LYS A 257 -14.30 0.09 3.66
CA LYS A 257 -13.20 0.89 4.27
C LYS A 257 -12.06 0.00 4.79
N MET A 258 -10.84 0.47 4.52
CA MET A 258 -9.62 0.00 5.21
C MET A 258 -9.41 0.93 6.41
N GLU A 259 -9.30 0.33 7.61
CA GLU A 259 -8.91 1.02 8.86
C GLU A 259 -7.44 0.69 9.18
N VAL A 260 -6.61 1.74 9.25
CA VAL A 260 -5.19 1.65 9.64
C VAL A 260 -5.00 2.17 11.07
N ASP A 261 -4.68 1.25 11.96
CA ASP A 261 -4.54 1.53 13.40
C ASP A 261 -3.26 2.33 13.56
N TYR A 262 -2.20 1.89 12.89
CA TYR A 262 -0.93 2.63 12.96
C TYR A 262 -0.09 2.28 11.75
N VAL A 263 0.79 3.21 11.44
CA VAL A 263 2.02 2.97 10.65
C VAL A 263 3.19 3.25 11.55
N ARG A 264 4.12 2.31 11.62
CA ARG A 264 5.30 2.46 12.49
C ARG A 264 6.53 2.09 11.68
N VAL A 265 7.55 2.95 11.71
CA VAL A 265 8.80 2.71 10.94
C VAL A 265 9.95 2.66 11.93
N TYR A 266 10.72 1.59 11.88
CA TYR A 266 11.88 1.32 12.76
C TYR A 266 13.17 1.26 11.94
N GLN A 267 14.28 1.80 12.49
CA GLN A 267 15.61 1.87 11.83
C GLN A 267 16.70 1.66 12.90
N LYS A 268 17.91 1.24 12.48
CA LYS A 268 19.12 1.01 13.34
C LYS A 268 19.47 2.28 14.13
#